data_6GWQ
#
_entry.id   6GWQ
#
_cell.length_a   89.870
_cell.length_b   123.647
_cell.length_c   64.975
_cell.angle_alpha   90.000
_cell.angle_beta   129.940
_cell.angle_gamma   90.000
#
_symmetry.space_group_name_H-M   'C 1 2 1'
#
loop_
_entity.id
_entity.type
_entity.pdbx_description
1 polymer 'Plasminogen Activator Inhibitor-1'
2 polymer VHH-2g-42
3 water water
#
loop_
_entity_poly.entity_id
_entity_poly.type
_entity_poly.pdbx_seq_one_letter_code
_entity_poly.pdbx_strand_id
1 'polypeptide(L)'
;VHHPPSYVAHLASDFGVRVFQQVAQASKDRNVVFSPYGVASVLAMLQLTTGGETQQQIQAAMGFKIDDKGMAPALRHLYK
ELMGPWNKDEISTTDAIFVQRDLKLVQGFMPHFFRLFRSTVKQVDFSEVERARFIINDWVKTHTKGMISHLLGTGAVDQL
TRLVLVNALYFNGQWKTPFPDSSTHRRLFHKSDGSTVSVPMMAQTNKFNYTEFTTPDGHYYDILELPYHGDTLSMFIAAP
YEKEVPLSALTNILSAQLISHWKGNMTRLPRLLVLPKFSLETEVDLRKPLENLGMTDMFRPFQADFTSLSDQEPLHVALA
LQKVKIEVNESGTVASSSTAVIVSARMAPEEIIIDRPFLFVVRHNPTGTVLFMGQVMEP
;
A
2 'polypeptide(L)'
;QVQLVESGGGLVQPGGRLRLSCAASGFTFRTYAMQWYRQSPGTERELVAAISNIGGVTDYGDSVKGRFTISRDNAKTTVY
LEMNSLKPEDTATYYCSAVRLPQRYWGRGTQVTVSS
;
B
#
# COMPACT_ATOMS: atom_id res chain seq x y z
N VAL A 1 -18.83 14.22 -19.37
CA VAL A 1 -19.97 14.01 -18.41
C VAL A 1 -19.68 12.93 -17.35
N HIS A 2 -18.74 12.01 -17.64
CA HIS A 2 -18.32 11.01 -16.65
C HIS A 2 -16.80 11.13 -16.43
N HIS A 3 -16.36 11.06 -15.16
CA HIS A 3 -14.94 11.14 -14.79
C HIS A 3 -14.49 9.80 -14.25
N PRO A 4 -13.18 9.50 -14.32
CA PRO A 4 -12.71 8.21 -13.83
C PRO A 4 -13.14 7.92 -12.39
N PRO A 5 -13.35 6.64 -12.06
CA PRO A 5 -13.75 6.26 -10.70
C PRO A 5 -12.57 6.28 -9.70
N SER A 6 -11.89 7.43 -9.62
CA SER A 6 -10.64 7.56 -8.85
C SER A 6 -10.90 7.53 -7.34
N TYR A 7 -12.03 8.08 -6.94
CA TYR A 7 -12.58 7.91 -5.60
C TYR A 7 -12.60 6.43 -5.18
N VAL A 8 -13.36 5.63 -5.92
CA VAL A 8 -13.48 4.21 -5.64
C VAL A 8 -12.14 3.52 -5.81
N ALA A 9 -11.44 3.87 -6.88
CA ALA A 9 -10.12 3.30 -7.15
C ALA A 9 -9.16 3.55 -6.00
N HIS A 10 -9.19 4.76 -5.45
CA HIS A 10 -8.37 5.07 -4.29
C HIS A 10 -8.87 4.36 -3.05
N LEU A 11 -10.18 4.37 -2.82
CA LEU A 11 -10.71 3.67 -1.65
C LEU A 11 -10.36 2.19 -1.69
N ALA A 12 -10.59 1.56 -2.83
CA ALA A 12 -10.24 0.15 -3.02
C ALA A 12 -8.74 -0.10 -2.86
N SER A 13 -7.93 0.77 -3.47
CA SER A 13 -6.49 0.59 -3.41
C SER A 13 -5.92 0.78 -2.01
N ASP A 14 -6.49 1.71 -1.24
CA ASP A 14 -5.98 1.95 0.09
C ASP A 14 -6.27 0.80 1.03
N PHE A 15 -7.47 0.24 0.92
CA PHE A 15 -7.81 -0.96 1.65
C PHE A 15 -6.82 -2.09 1.31
N GLY A 16 -6.52 -2.24 0.03
CA GLY A 16 -5.62 -3.29 -0.43
C GLY A 16 -4.19 -3.06 0.05
N VAL A 17 -3.78 -1.78 0.12
CA VAL A 17 -2.46 -1.45 0.66
C VAL A 17 -2.39 -1.81 2.14
N ARG A 18 -3.45 -1.54 2.87
CA ARG A 18 -3.48 -1.90 4.29
C ARG A 18 -3.40 -3.41 4.48
N VAL A 19 -4.08 -4.18 3.62
CA VAL A 19 -3.93 -5.65 3.66
C VAL A 19 -2.46 -6.00 3.43
N PHE A 20 -1.87 -5.42 2.40
CA PHE A 20 -0.44 -5.65 2.12
C PHE A 20 0.43 -5.34 3.33
N GLN A 21 0.11 -4.26 4.06
CA GLN A 21 0.91 -3.89 5.22
C GLN A 21 0.86 -5.02 6.25
N GLN A 22 -0.31 -5.62 6.44
CA GLN A 22 -0.43 -6.75 7.38
C GLN A 22 0.37 -7.94 6.91
N VAL A 23 0.38 -8.19 5.61
CA VAL A 23 1.10 -9.33 5.09
C VAL A 23 2.60 -9.08 5.24
N ALA A 24 3.04 -7.89 4.86
CA ALA A 24 4.44 -7.49 4.92
C ALA A 24 4.99 -7.45 6.35
N GLN A 25 4.18 -7.02 7.30
CA GLN A 25 4.59 -6.99 8.71
C GLN A 25 4.93 -8.39 9.20
N ALA A 26 3.98 -9.31 9.02
CA ALA A 26 4.11 -10.68 9.49
C ALA A 26 5.17 -11.49 8.72
N SER A 27 5.56 -11.03 7.55
CA SER A 27 6.61 -11.70 6.75
C SER A 27 7.96 -11.42 7.39
N LYS A 28 8.82 -12.45 7.42
CA LYS A 28 10.15 -12.33 8.00
C LYS A 28 11.19 -11.85 6.99
N ASP A 29 11.03 -10.61 6.51
CA ASP A 29 11.93 -10.02 5.51
C ASP A 29 12.13 -10.97 4.31
N ARG A 30 11.03 -11.28 3.65
CA ARG A 30 11.03 -12.14 2.49
C ARG A 30 10.27 -11.43 1.38
N ASN A 31 10.47 -11.88 0.15
CA ASN A 31 9.75 -11.40 -1.02
C ASN A 31 8.25 -11.48 -0.81
N VAL A 32 7.54 -10.44 -1.21
CA VAL A 32 6.08 -10.43 -1.19
C VAL A 32 5.64 -9.56 -2.34
N VAL A 33 4.89 -10.17 -3.26
CA VAL A 33 4.17 -9.45 -4.28
C VAL A 33 2.68 -9.66 -4.02
N PHE A 34 1.85 -8.71 -4.45
CA PHE A 34 0.48 -8.64 -3.97
C PHE A 34 -0.30 -7.69 -4.84
N SER A 35 -1.63 -7.80 -4.80
CA SER A 35 -2.49 -6.90 -5.58
C SER A 35 -3.50 -6.25 -4.65
N PRO A 36 -3.28 -4.97 -4.30
CA PRO A 36 -4.27 -4.24 -3.52
C PRO A 36 -5.60 -4.13 -4.20
N TYR A 37 -5.62 -3.79 -5.48
CA TYR A 37 -6.86 -3.77 -6.24
C TYR A 37 -7.58 -5.12 -6.13
N GLY A 38 -6.83 -6.21 -6.26
CA GLY A 38 -7.41 -7.54 -6.39
C GLY A 38 -8.15 -7.98 -5.14
N VAL A 39 -7.51 -7.81 -3.99
CA VAL A 39 -8.15 -8.18 -2.72
C VAL A 39 -9.38 -7.33 -2.44
N ALA A 40 -9.36 -6.09 -2.92
CA ALA A 40 -10.50 -5.19 -2.79
C ALA A 40 -11.62 -5.60 -3.74
N SER A 41 -11.25 -5.91 -4.97
CA SER A 41 -12.20 -6.38 -5.97
C SER A 41 -13.02 -7.55 -5.42
N VAL A 42 -12.32 -8.50 -4.82
CA VAL A 42 -12.93 -9.69 -4.25
C VAL A 42 -13.78 -9.40 -3.02
N LEU A 43 -13.25 -8.63 -2.07
CA LEU A 43 -14.01 -8.34 -0.85
C LEU A 43 -15.29 -7.54 -1.14
N ALA A 44 -15.21 -6.63 -2.10
CA ALA A 44 -16.38 -5.88 -2.59
C ALA A 44 -17.45 -6.80 -3.19
N MET A 45 -17.02 -7.82 -3.94
CA MET A 45 -17.93 -8.85 -4.41
C MET A 45 -18.55 -9.57 -3.21
N LEU A 46 -17.73 -9.92 -2.23
CA LEU A 46 -18.22 -10.59 -1.03
C LEU A 46 -19.27 -9.76 -0.26
N GLN A 47 -19.19 -8.44 -0.36
CA GLN A 47 -20.12 -7.54 0.31
C GLN A 47 -21.53 -7.79 -0.12
N LEU A 48 -21.69 -8.26 -1.32
CA LEU A 48 -23.00 -8.53 -1.83
C LEU A 48 -23.64 -9.76 -1.24
N THR A 49 -22.84 -10.68 -0.73
CA THR A 49 -23.30 -11.91 -0.11
C THR A 49 -23.45 -11.84 1.39
N THR A 50 -22.88 -10.84 2.02
CA THR A 50 -22.97 -10.74 3.48
C THR A 50 -24.05 -9.78 4.00
N GLY A 51 -24.45 -9.99 5.25
CA GLY A 51 -25.35 -9.08 5.97
C GLY A 51 -24.87 -8.90 7.41
N GLY A 52 -25.62 -8.12 8.18
CA GLY A 52 -25.37 -7.97 9.62
C GLY A 52 -24.01 -7.41 10.00
N GLU A 53 -23.43 -7.97 11.07
CA GLU A 53 -22.12 -7.55 11.58
C GLU A 53 -20.97 -7.99 10.65
N THR A 54 -21.19 -9.03 9.87
CA THR A 54 -20.20 -9.45 8.89
C THR A 54 -20.00 -8.37 7.84
N GLN A 55 -21.11 -7.89 7.27
CA GLN A 55 -21.03 -6.81 6.28
C GLN A 55 -20.47 -5.53 6.89
N GLN A 56 -20.91 -5.21 8.10
CA GLN A 56 -20.44 -4.04 8.86
C GLN A 56 -18.93 -3.98 8.93
N GLN A 57 -18.34 -5.08 9.39
CA GLN A 57 -16.89 -5.19 9.48
C GLN A 57 -16.21 -4.96 8.15
N ILE A 58 -16.82 -5.42 7.06
CA ILE A 58 -16.20 -5.30 5.74
C ILE A 58 -16.32 -3.85 5.24
N GLN A 59 -17.47 -3.24 5.35
CA GLN A 59 -17.54 -1.90 4.86
C GLN A 59 -16.70 -0.97 5.72
N ALA A 60 -16.63 -1.23 7.01
CA ALA A 60 -15.80 -0.42 7.89
C ALA A 60 -14.32 -0.51 7.55
N ALA A 61 -13.86 -1.69 7.15
CA ALA A 61 -12.47 -1.87 6.75
C ALA A 61 -12.20 -1.23 5.39
N MET A 62 -13.12 -1.40 4.46
CA MET A 62 -12.94 -0.95 3.07
C MET A 62 -13.25 0.52 2.88
N GLY A 63 -14.17 1.04 3.69
CA GLY A 63 -14.58 2.44 3.60
C GLY A 63 -15.65 2.70 2.56
N PHE A 64 -16.45 1.71 2.26
CA PHE A 64 -17.54 1.89 1.34
C PHE A 64 -18.46 0.69 1.26
N LYS A 65 -19.72 0.98 0.98
CA LYS A 65 -20.71 -0.03 0.86
C LYS A 65 -21.02 -0.16 -0.59
N ILE A 66 -21.09 -1.39 -1.06
CA ILE A 66 -21.40 -1.66 -2.46
C ILE A 66 -22.90 -1.52 -2.70
N ASP A 67 -23.63 -1.25 -1.62
CA ASP A 67 -25.07 -1.09 -1.69
C ASP A 67 -25.37 0.21 -2.37
N ASP A 68 -24.62 1.25 -2.00
CA ASP A 68 -24.81 2.58 -2.57
C ASP A 68 -24.85 2.60 -4.10
N LYS A 69 -25.62 3.56 -4.62
CA LYS A 69 -25.78 3.76 -6.06
C LYS A 69 -24.46 3.88 -6.79
N GLY A 70 -24.37 3.13 -7.88
CA GLY A 70 -23.23 3.12 -8.78
C GLY A 70 -21.87 2.68 -8.33
N MET A 71 -21.73 2.16 -7.12
CA MET A 71 -20.42 1.71 -6.64
C MET A 71 -19.94 0.54 -7.47
N ALA A 72 -20.90 -0.33 -7.80
CA ALA A 72 -20.65 -1.50 -8.63
C ALA A 72 -20.38 -0.99 -10.04
N PRO A 73 -21.33 -0.27 -10.63
CA PRO A 73 -21.09 0.28 -11.97
C PRO A 73 -19.71 0.91 -12.12
N ALA A 74 -19.32 1.74 -11.15
CA ALA A 74 -17.97 2.29 -11.13
C ALA A 74 -16.93 1.17 -11.18
N LEU A 75 -17.06 0.20 -10.28
CA LEU A 75 -16.14 -0.94 -10.20
C LEU A 75 -16.08 -1.79 -11.48
N ARG A 76 -17.22 -1.97 -12.14
CA ARG A 76 -17.25 -2.68 -13.39
C ARG A 76 -16.57 -1.84 -14.47
N HIS A 77 -16.93 -0.55 -14.51
CA HIS A 77 -16.28 0.39 -15.43
C HIS A 77 -14.79 0.48 -15.12
N LEU A 78 -14.45 0.46 -13.84
CA LEU A 78 -13.06 0.49 -13.39
C LEU A 78 -12.29 -0.69 -13.97
N TYR A 79 -12.77 -1.91 -13.69
CA TYR A 79 -12.14 -3.13 -14.24
C TYR A 79 -11.91 -3.06 -15.75
N LYS A 80 -12.94 -2.70 -16.50
CA LYS A 80 -12.88 -2.69 -17.96
C LYS A 80 -12.06 -1.52 -18.52
N GLU A 81 -12.00 -0.41 -17.77
CA GLU A 81 -11.05 0.66 -18.10
C GLU A 81 -9.64 0.14 -17.85
N LEU A 82 -9.47 -0.60 -16.76
CA LEU A 82 -8.18 -1.22 -16.42
C LEU A 82 -7.71 -2.22 -17.50
N MET A 83 -8.57 -3.18 -17.85
CA MET A 83 -8.21 -4.21 -18.85
C MET A 83 -8.36 -3.77 -20.30
N GLY A 84 -8.87 -2.55 -20.54
CA GLY A 84 -9.14 -2.06 -21.89
C GLY A 84 -8.01 -2.24 -22.90
N PRO A 85 -6.89 -1.59 -22.68
CA PRO A 85 -5.74 -1.64 -23.59
C PRO A 85 -4.93 -2.92 -23.54
N TRP A 86 -5.28 -3.83 -22.65
CA TRP A 86 -4.52 -5.05 -22.52
C TRP A 86 -5.18 -6.21 -23.24
N ASP A 89 -1.73 -10.78 -22.76
CA ASP A 89 -0.71 -11.68 -22.24
C ASP A 89 0.25 -10.94 -21.30
N GLU A 90 0.10 -9.62 -21.23
CA GLU A 90 0.92 -8.81 -20.39
C GLU A 90 0.36 -8.87 -19.00
N ILE A 91 -0.95 -8.78 -18.87
CA ILE A 91 -1.56 -8.82 -17.54
C ILE A 91 -2.91 -9.52 -17.56
N SER A 92 -3.08 -10.49 -16.66
CA SER A 92 -4.35 -11.21 -16.60
C SER A 92 -4.69 -11.47 -15.15
N THR A 93 -5.98 -11.36 -14.84
CA THR A 93 -6.47 -11.39 -13.47
C THR A 93 -7.75 -12.22 -13.37
N THR A 94 -8.01 -12.79 -12.21
CA THR A 94 -9.29 -13.47 -12.01
C THR A 94 -9.78 -13.37 -10.57
N ASP A 95 -11.09 -13.36 -10.43
CA ASP A 95 -11.78 -13.36 -9.16
C ASP A 95 -12.72 -14.55 -9.21
N ALA A 96 -12.92 -15.19 -8.09
CA ALA A 96 -13.84 -16.34 -8.04
C ALA A 96 -14.29 -16.66 -6.64
N ILE A 97 -15.60 -16.85 -6.51
CA ILE A 97 -16.23 -17.30 -5.27
C ILE A 97 -16.84 -18.66 -5.56
N PHE A 98 -16.37 -19.68 -4.84
CA PHE A 98 -16.87 -21.05 -4.96
C PHE A 98 -17.73 -21.45 -3.75
N VAL A 99 -18.99 -21.77 -3.99
CA VAL A 99 -19.92 -22.16 -2.92
C VAL A 99 -20.35 -23.62 -3.08
N GLN A 100 -20.76 -24.26 -1.99
CA GLN A 100 -21.27 -25.64 -2.02
C GLN A 100 -22.55 -25.73 -2.87
N ARG A 101 -22.56 -26.63 -3.84
CA ARG A 101 -23.70 -26.73 -4.77
C ARG A 101 -25.01 -27.04 -4.04
N ASP A 102 -24.94 -27.87 -3.00
CA ASP A 102 -26.12 -28.26 -2.21
C ASP A 102 -26.88 -27.09 -1.59
N LEU A 103 -26.18 -26.01 -1.24
CA LEU A 103 -26.81 -24.88 -0.54
C LEU A 103 -27.96 -24.23 -1.33
N LYS A 104 -29.07 -24.00 -0.63
CA LYS A 104 -30.18 -23.21 -1.18
C LYS A 104 -29.81 -21.72 -1.18
N LEU A 105 -29.65 -21.16 -2.37
CA LEU A 105 -29.30 -19.74 -2.53
C LEU A 105 -30.56 -18.87 -2.54
N VAL A 106 -30.45 -17.64 -2.04
CA VAL A 106 -31.62 -16.75 -1.96
C VAL A 106 -32.05 -16.31 -3.36
N GLN A 107 -33.36 -16.30 -3.58
CA GLN A 107 -33.97 -16.27 -4.92
C GLN A 107 -33.29 -15.37 -5.95
N GLY A 108 -33.05 -14.11 -5.58
CA GLY A 108 -32.64 -13.09 -6.54
C GLY A 108 -31.17 -12.74 -6.55
N PHE A 109 -30.34 -13.55 -5.89
CA PHE A 109 -28.93 -13.23 -5.71
C PHE A 109 -28.12 -13.27 -7.01
N MET A 110 -28.10 -14.44 -7.66
CA MET A 110 -27.28 -14.65 -8.86
C MET A 110 -27.61 -13.65 -9.97
N PRO A 111 -28.91 -13.44 -10.27
CA PRO A 111 -29.32 -12.36 -11.17
C PRO A 111 -28.73 -10.99 -10.80
N HIS A 112 -28.72 -10.69 -9.52
CA HIS A 112 -28.19 -9.42 -9.05
C HIS A 112 -26.69 -9.38 -9.17
N PHE A 113 -26.04 -10.42 -8.70
CA PHE A 113 -24.58 -10.56 -8.73
C PHE A 113 -24.01 -10.51 -10.15
N PHE A 114 -24.70 -11.08 -11.11
CA PHE A 114 -24.21 -11.06 -12.46
C PHE A 114 -24.44 -9.69 -13.04
N ARG A 115 -25.59 -9.12 -12.73
CA ARG A 115 -25.92 -7.81 -13.23
C ARG A 115 -24.92 -6.79 -12.81
N LEU A 116 -24.47 -6.88 -11.57
CA LEU A 116 -23.50 -5.94 -11.07
C LEU A 116 -22.11 -6.19 -11.63
N PHE A 117 -21.59 -7.40 -11.56
CA PHE A 117 -20.19 -7.65 -11.77
C PHE A 117 -19.82 -8.41 -13.02
N ARG A 118 -20.80 -8.89 -13.78
CA ARG A 118 -20.56 -9.69 -14.98
C ARG A 118 -19.65 -10.87 -14.65
N SER A 119 -20.07 -11.59 -13.65
CA SER A 119 -19.41 -12.76 -13.11
C SER A 119 -20.43 -13.68 -12.46
N THR A 120 -20.01 -14.88 -12.11
CA THR A 120 -20.94 -15.81 -11.47
C THR A 120 -20.30 -16.48 -10.28
N VAL A 121 -21.11 -16.78 -9.26
CA VAL A 121 -20.65 -17.56 -8.12
C VAL A 121 -20.61 -19.00 -8.58
N LYS A 122 -19.46 -19.66 -8.40
CA LYS A 122 -19.29 -21.03 -8.87
C LYS A 122 -19.83 -21.99 -7.83
N GLN A 123 -20.51 -23.05 -8.31
CA GLN A 123 -21.05 -24.04 -7.41
C GLN A 123 -20.36 -25.36 -7.65
N VAL A 124 -19.70 -25.87 -6.61
CA VAL A 124 -19.01 -27.16 -6.65
C VAL A 124 -19.21 -27.93 -5.34
N ASP A 125 -19.18 -29.26 -5.41
CA ASP A 125 -19.37 -30.10 -4.24
C ASP A 125 -18.02 -30.39 -3.58
N PHE A 126 -17.81 -29.83 -2.39
CA PHE A 126 -16.55 -29.97 -1.66
C PHE A 126 -16.36 -31.32 -0.98
N SER A 127 -17.44 -32.09 -0.80
CA SER A 127 -17.35 -33.46 -0.28
C SER A 127 -16.63 -34.39 -1.25
N GLU A 128 -16.59 -33.99 -2.53
CA GLU A 128 -15.67 -34.59 -3.50
C GLU A 128 -14.42 -33.71 -3.50
N VAL A 129 -13.55 -33.95 -2.52
CA VAL A 129 -12.44 -33.05 -2.22
C VAL A 129 -11.49 -32.87 -3.41
N GLU A 130 -11.02 -34.00 -3.96
CA GLU A 130 -10.11 -33.97 -5.11
C GLU A 130 -10.69 -33.19 -6.27
N ARG A 131 -11.98 -33.40 -6.53
CA ARG A 131 -12.64 -32.76 -7.66
C ARG A 131 -12.81 -31.25 -7.46
N ALA A 132 -13.19 -30.84 -6.25
CA ALA A 132 -13.33 -29.42 -5.94
C ALA A 132 -11.98 -28.72 -6.08
N ARG A 133 -10.92 -29.35 -5.58
CA ARG A 133 -9.57 -28.85 -5.76
C ARG A 133 -9.22 -28.68 -7.23
N PHE A 134 -9.55 -29.69 -8.04
CA PHE A 134 -9.33 -29.66 -9.48
C PHE A 134 -10.04 -28.47 -10.14
N ILE A 135 -11.34 -28.34 -9.88
CA ILE A 135 -12.16 -27.27 -10.42
C ILE A 135 -11.59 -25.88 -10.11
N ILE A 136 -11.17 -25.65 -8.88
CA ILE A 136 -10.63 -24.35 -8.51
C ILE A 136 -9.30 -24.10 -9.22
N ASN A 137 -8.44 -25.10 -9.24
CA ASN A 137 -7.11 -24.92 -9.83
C ASN A 137 -7.19 -24.75 -11.33
N ASP A 138 -8.18 -25.39 -11.95
CA ASP A 138 -8.45 -25.23 -13.38
C ASP A 138 -8.99 -23.85 -13.66
N TRP A 139 -9.93 -23.37 -12.84
CA TRP A 139 -10.49 -22.04 -13.09
C TRP A 139 -9.37 -21.02 -13.07
N VAL A 140 -8.48 -21.15 -12.09
CA VAL A 140 -7.41 -20.16 -11.89
C VAL A 140 -6.40 -20.24 -13.04
N LYS A 141 -5.97 -21.45 -13.38
CA LYS A 141 -5.00 -21.59 -14.47
C LYS A 141 -5.55 -21.03 -15.78
N THR A 142 -6.81 -21.33 -16.08
CA THR A 142 -7.35 -20.96 -17.38
C THR A 142 -7.72 -19.48 -17.44
N HIS A 143 -8.09 -18.89 -16.31
CA HIS A 143 -8.46 -17.47 -16.28
C HIS A 143 -7.28 -16.53 -16.00
N THR A 144 -6.06 -17.09 -15.99
CA THR A 144 -4.84 -16.29 -15.94
C THR A 144 -3.95 -16.63 -17.11
N LYS A 145 -4.57 -16.99 -18.24
CA LYS A 145 -3.87 -17.47 -19.44
C LYS A 145 -2.75 -18.47 -19.15
N GLY A 146 -2.99 -19.37 -18.21
CA GLY A 146 -2.02 -20.42 -17.87
C GLY A 146 -0.94 -20.00 -16.89
N MET A 147 -0.91 -18.73 -16.52
CA MET A 147 0.23 -18.21 -15.79
C MET A 147 0.25 -18.62 -14.33
N ILE A 148 -0.92 -18.65 -13.68
CA ILE A 148 -1.04 -19.17 -12.33
C ILE A 148 -1.65 -20.57 -12.32
N SER A 149 -0.80 -21.60 -12.21
CA SER A 149 -1.24 -22.97 -12.46
C SER A 149 -1.78 -23.71 -11.24
N HIS A 150 -1.26 -23.37 -10.04
CA HIS A 150 -1.61 -24.08 -8.80
C HIS A 150 -1.97 -23.06 -7.69
N LEU A 151 -2.76 -23.52 -6.72
CA LEU A 151 -3.05 -22.78 -5.50
C LEU A 151 -2.84 -23.73 -4.35
N LEU A 152 -1.66 -23.74 -3.76
CA LEU A 152 -1.37 -24.70 -2.69
C LEU A 152 -2.34 -24.60 -1.52
N GLY A 153 -2.87 -23.41 -1.28
CA GLY A 153 -3.84 -23.22 -0.19
C GLY A 153 -5.10 -24.06 -0.29
N THR A 154 -5.37 -24.60 -1.47
CA THR A 154 -6.53 -25.48 -1.65
C THR A 154 -6.35 -26.83 -0.95
N GLY A 155 -5.14 -27.09 -0.43
CA GLY A 155 -4.90 -28.23 0.45
C GLY A 155 -5.76 -28.20 1.70
N ALA A 156 -6.06 -26.99 2.18
CA ALA A 156 -6.92 -26.83 3.37
C ALA A 156 -8.40 -27.04 3.07
N VAL A 157 -8.76 -27.26 1.81
CA VAL A 157 -10.10 -27.67 1.46
C VAL A 157 -10.32 -29.07 1.99
N ASP A 158 -11.53 -29.34 2.48
CA ASP A 158 -11.93 -30.68 2.91
C ASP A 158 -13.44 -30.84 2.72
N GLN A 159 -14.00 -31.96 3.18
CA GLN A 159 -15.43 -32.25 3.02
C GLN A 159 -16.38 -31.34 3.81
N LEU A 160 -15.82 -30.47 4.65
CA LEU A 160 -16.62 -29.50 5.42
C LEU A 160 -16.51 -28.07 4.87
N THR A 161 -15.72 -27.88 3.81
CA THR A 161 -15.62 -26.60 3.11
C THR A 161 -16.94 -26.23 2.44
N ARG A 162 -17.38 -25.01 2.61
CA ARG A 162 -18.68 -24.55 2.07
C ARG A 162 -18.57 -23.28 1.22
N LEU A 163 -17.49 -22.51 1.38
CA LEU A 163 -17.33 -21.23 0.68
C LEU A 163 -15.86 -20.87 0.57
N VAL A 164 -15.38 -20.64 -0.65
CA VAL A 164 -13.98 -20.30 -0.85
C VAL A 164 -13.79 -19.19 -1.88
N LEU A 165 -13.00 -18.19 -1.52
CA LEU A 165 -12.72 -17.10 -2.42
C LEU A 165 -11.27 -17.12 -2.89
N VAL A 166 -11.07 -16.69 -4.12
CA VAL A 166 -9.80 -16.75 -4.83
C VAL A 166 -9.61 -15.54 -5.73
N ASN A 167 -8.37 -15.06 -5.73
CA ASN A 167 -7.96 -13.94 -6.55
C ASN A 167 -6.56 -14.26 -7.05
N ALA A 168 -6.35 -14.16 -8.36
CA ALA A 168 -5.05 -14.48 -8.95
C ALA A 168 -4.70 -13.49 -10.05
N LEU A 169 -3.46 -13.01 -10.06
CA LEU A 169 -3.03 -12.05 -11.06
C LEU A 169 -1.63 -12.32 -11.54
N TYR A 170 -1.41 -12.13 -12.84
CA TYR A 170 -0.09 -12.23 -13.44
C TYR A 170 0.25 -10.90 -14.11
N PHE A 171 1.50 -10.47 -13.97
CA PHE A 171 1.96 -9.25 -14.61
C PHE A 171 3.39 -9.38 -15.15
N ASN A 172 3.57 -8.98 -16.40
CA ASN A 172 4.84 -9.01 -17.11
C ASN A 172 4.72 -7.98 -18.20
N GLY A 173 4.98 -6.74 -17.87
CA GLY A 173 4.75 -5.65 -18.80
C GLY A 173 6.01 -5.18 -19.51
N GLN A 174 5.85 -4.87 -20.80
CA GLN A 174 6.91 -4.26 -21.58
C GLN A 174 7.08 -2.80 -21.18
N TRP A 175 8.33 -2.32 -21.17
CA TRP A 175 8.65 -0.94 -20.83
C TRP A 175 8.53 -0.03 -22.04
N LYS A 176 8.17 1.23 -21.80
CA LYS A 176 8.13 2.25 -22.84
C LYS A 176 9.54 2.50 -23.38
N THR A 177 10.52 2.55 -22.49
CA THR A 177 11.90 2.60 -22.88
C THR A 177 12.59 1.32 -22.39
N PRO A 178 12.94 0.43 -23.32
CA PRO A 178 13.52 -0.85 -22.92
C PRO A 178 14.94 -0.71 -22.39
N PHE A 179 15.30 -1.63 -21.51
CA PHE A 179 16.66 -1.78 -21.03
C PHE A 179 17.44 -2.50 -22.13
N PRO A 180 18.55 -1.91 -22.60
CA PRO A 180 19.33 -2.62 -23.62
C PRO A 180 19.85 -3.98 -23.16
N ASP A 181 19.53 -5.02 -23.93
CA ASP A 181 20.04 -6.39 -23.76
C ASP A 181 21.54 -6.43 -23.45
N SER A 182 22.31 -5.64 -24.19
CA SER A 182 23.75 -5.60 -24.03
C SER A 182 24.20 -5.11 -22.63
N SER A 183 23.42 -4.21 -22.04
CA SER A 183 23.78 -3.59 -20.77
C SER A 183 23.48 -4.47 -19.55
N THR A 184 22.84 -5.61 -19.76
CA THR A 184 22.54 -6.52 -18.66
C THR A 184 23.83 -7.13 -18.16
N HIS A 185 23.99 -7.18 -16.84
CA HIS A 185 25.23 -7.63 -16.22
C HIS A 185 24.95 -8.20 -14.84
N ARG A 186 25.89 -9.00 -14.33
CA ARG A 186 25.80 -9.51 -12.95
C ARG A 186 26.40 -8.52 -11.97
N ARG A 187 25.81 -8.49 -10.78
CA ARG A 187 26.21 -7.56 -9.72
C ARG A 187 25.72 -8.09 -8.38
N LEU A 188 26.47 -7.79 -7.32
CA LEU A 188 26.05 -8.15 -5.96
C LEU A 188 24.82 -7.36 -5.54
N PHE A 189 23.86 -8.08 -4.94
CA PHE A 189 22.67 -7.49 -4.35
C PHE A 189 22.83 -7.77 -2.88
N HIS A 190 22.68 -6.71 -2.08
CA HIS A 190 22.82 -6.78 -0.64
C HIS A 190 21.48 -6.98 0.06
N LYS A 191 21.31 -8.19 0.58
CA LYS A 191 20.11 -8.58 1.28
C LYS A 191 20.06 -7.89 2.64
N SER A 192 18.86 -7.88 3.20
CA SER A 192 18.61 -7.28 4.49
C SER A 192 19.32 -7.96 5.66
N ASP A 193 19.56 -9.26 5.56
CA ASP A 193 20.27 -10.02 6.59
C ASP A 193 21.80 -9.94 6.47
N GLY A 194 22.29 -9.13 5.55
CA GLY A 194 23.71 -8.88 5.43
C GLY A 194 24.44 -9.72 4.40
N SER A 195 23.77 -10.73 3.84
CA SER A 195 24.39 -11.58 2.82
C SER A 195 24.23 -10.93 1.46
N THR A 196 25.10 -11.29 0.52
CA THR A 196 25.00 -10.83 -0.85
C THR A 196 24.78 -12.01 -1.81
N VAL A 197 24.02 -11.77 -2.86
CA VAL A 197 23.90 -12.73 -3.96
C VAL A 197 24.20 -12.05 -5.29
N SER A 198 24.88 -12.77 -6.18
CA SER A 198 25.08 -12.28 -7.55
C SER A 198 23.77 -12.48 -8.31
N VAL A 199 23.24 -11.38 -8.83
CA VAL A 199 21.95 -11.36 -9.52
C VAL A 199 22.12 -10.62 -10.83
N PRO A 200 21.37 -11.02 -11.88
CA PRO A 200 21.50 -10.29 -13.13
C PRO A 200 20.74 -8.97 -13.06
N MET A 201 21.31 -7.93 -13.64
CA MET A 201 20.76 -6.59 -13.49
C MET A 201 20.73 -5.82 -14.79
N MET A 202 19.64 -5.09 -15.00
CA MET A 202 19.46 -4.31 -16.20
C MET A 202 19.88 -2.86 -15.93
N ALA A 203 20.33 -2.18 -16.99
CA ALA A 203 20.81 -0.82 -16.89
C ALA A 203 20.31 0.00 -18.07
N GLN A 204 20.06 1.27 -17.79
CA GLN A 204 19.52 2.21 -18.75
C GLN A 204 19.78 3.64 -18.26
N THR A 205 20.27 4.51 -19.16
CA THR A 205 20.36 5.93 -18.87
C THR A 205 19.27 6.61 -19.67
N ASN A 206 18.46 7.41 -19.00
CA ASN A 206 17.27 7.99 -19.61
C ASN A 206 16.70 9.08 -18.69
N LYS A 207 15.74 9.85 -19.19
CA LYS A 207 15.03 10.83 -18.36
C LYS A 207 13.88 10.17 -17.64
N PHE A 208 14.00 9.99 -16.33
CA PHE A 208 12.97 9.34 -15.53
C PHE A 208 12.25 10.34 -14.61
N ASN A 209 10.94 10.17 -14.47
CA ASN A 209 10.17 10.91 -13.49
C ASN A 209 10.70 10.48 -12.11
N TYR A 210 11.15 11.44 -11.31
CA TYR A 210 11.85 11.18 -10.06
C TYR A 210 11.53 12.19 -8.95
N THR A 211 11.60 11.71 -7.72
CA THR A 211 11.57 12.56 -6.52
C THR A 211 12.23 11.83 -5.36
N GLU A 212 12.71 12.60 -4.38
CA GLU A 212 13.20 12.05 -3.12
C GLU A 212 12.03 11.94 -2.18
N PHE A 213 12.03 10.91 -1.33
CA PHE A 213 11.03 10.86 -0.28
C PHE A 213 11.63 10.38 1.04
N THR A 214 11.31 11.14 2.10
CA THR A 214 11.81 10.94 3.45
C THR A 214 10.59 10.84 4.38
N THR A 215 10.54 9.76 5.17
CA THR A 215 9.42 9.50 6.09
C THR A 215 9.44 10.47 7.29
N PRO A 216 8.32 10.59 8.01
CA PRO A 216 8.31 11.51 9.15
C PRO A 216 9.44 11.22 10.15
N ASP A 217 9.85 9.95 10.28
CA ASP A 217 10.95 9.61 11.19
C ASP A 217 12.36 9.69 10.57
N GLY A 218 12.41 10.14 9.28
CA GLY A 218 13.68 10.50 8.66
C GLY A 218 14.34 9.47 7.76
N HIS A 219 13.62 8.44 7.34
CA HIS A 219 14.19 7.45 6.42
C HIS A 219 14.07 7.91 4.96
N TYR A 220 15.18 7.83 4.24
CA TYR A 220 15.38 8.48 2.95
C TYR A 220 15.34 7.48 1.77
N TYR A 221 14.54 7.80 0.75
CA TYR A 221 14.27 6.91 -0.39
C TYR A 221 14.32 7.64 -1.73
N ASP A 222 14.91 6.99 -2.74
CA ASP A 222 14.79 7.41 -4.14
C ASP A 222 13.46 6.89 -4.68
N ILE A 223 12.73 7.73 -5.42
CA ILE A 223 11.49 7.29 -6.05
C ILE A 223 11.50 7.55 -7.55
N LEU A 224 11.29 6.48 -8.32
CA LEU A 224 11.42 6.55 -9.77
C LEU A 224 10.19 5.97 -10.44
N GLU A 225 9.69 6.64 -11.48
CA GLU A 225 8.61 6.10 -12.30
C GLU A 225 9.16 5.47 -13.58
N LEU A 226 8.87 4.19 -13.78
CA LEU A 226 9.12 3.47 -15.04
C LEU A 226 7.80 3.26 -15.73
N PRO A 227 7.51 4.03 -16.78
CA PRO A 227 6.26 3.80 -17.50
C PRO A 227 6.30 2.50 -18.35
N TYR A 228 5.16 1.83 -18.47
CA TYR A 228 5.03 0.67 -19.36
C TYR A 228 4.75 1.14 -20.78
N HIS A 229 4.92 0.25 -21.76
CA HIS A 229 4.85 0.65 -23.18
C HIS A 229 3.50 1.23 -23.55
N GLY A 230 2.50 0.92 -22.75
CA GLY A 230 1.27 1.70 -22.71
C GLY A 230 1.39 2.71 -21.57
N ASP A 231 1.26 4.00 -21.90
CA ASP A 231 1.25 5.10 -20.90
C ASP A 231 0.25 4.87 -19.75
N THR A 232 -0.75 4.02 -20.00
CA THR A 232 -1.78 3.67 -19.04
C THR A 232 -1.26 3.19 -17.66
N LEU A 233 -0.20 2.37 -17.66
CA LEU A 233 0.39 1.85 -16.42
C LEU A 233 1.82 2.37 -16.19
N SER A 234 2.22 2.44 -14.92
CA SER A 234 3.58 2.79 -14.50
C SER A 234 4.02 1.92 -13.36
N MET A 235 5.30 1.57 -13.32
CA MET A 235 5.90 0.99 -12.12
C MET A 235 6.65 2.07 -11.34
N PHE A 236 6.35 2.20 -10.07
CA PHE A 236 7.10 3.07 -9.19
C PHE A 236 8.07 2.22 -8.42
N ILE A 237 9.35 2.58 -8.45
CA ILE A 237 10.36 1.95 -7.60
C ILE A 237 10.66 2.88 -6.43
N ALA A 238 10.50 2.39 -5.21
CA ALA A 238 10.95 3.12 -4.01
C ALA A 238 12.10 2.35 -3.37
N ALA A 239 13.28 2.94 -3.43
CA ALA A 239 14.49 2.25 -3.02
C ALA A 239 15.22 3.06 -1.95
N PRO A 240 15.66 2.40 -0.86
CA PRO A 240 16.54 3.01 0.12
C PRO A 240 17.72 3.71 -0.53
N TYR A 241 17.97 4.94 -0.13
CA TYR A 241 19.06 5.75 -0.69
C TYR A 241 20.41 5.07 -0.48
N GLU A 242 20.59 4.47 0.69
CA GLU A 242 21.78 3.67 0.97
C GLU A 242 21.35 2.30 1.49
N LYS A 243 22.26 1.34 1.43
CA LYS A 243 21.98 -0.05 1.83
C LYS A 243 21.43 -0.14 3.25
N GLU A 244 21.92 0.74 4.13
CA GLU A 244 21.65 0.66 5.56
C GLU A 244 20.23 1.04 5.96
N VAL A 245 19.51 1.72 5.05
CA VAL A 245 18.17 2.22 5.37
C VAL A 245 17.18 1.06 5.26
N PRO A 246 16.35 0.84 6.29
CA PRO A 246 15.39 -0.28 6.30
C PRO A 246 14.17 -0.02 5.44
N LEU A 247 13.66 -1.06 4.78
CA LEU A 247 12.53 -0.92 3.85
C LEU A 247 11.19 -0.77 4.56
N SER A 248 11.02 -1.42 5.70
CA SER A 248 9.73 -1.45 6.41
C SER A 248 9.22 -0.08 6.92
N ALA A 249 10.10 0.90 7.09
CA ALA A 249 9.70 2.24 7.53
C ALA A 249 8.76 2.90 6.50
N LEU A 250 9.10 2.74 5.23
CA LEU A 250 8.26 3.20 4.12
C LEU A 250 7.01 2.34 3.99
N THR A 251 7.16 1.03 4.16
CA THR A 251 6.03 0.12 4.00
C THR A 251 4.93 0.45 5.00
N ASN A 252 5.32 0.61 6.26
CA ASN A 252 4.33 0.82 7.31
C ASN A 252 3.66 2.20 7.28
N ILE A 253 3.97 3.05 6.30
CA ILE A 253 3.21 4.29 6.07
C ILE A 253 2.72 4.50 4.64
N LEU A 254 2.81 3.49 3.79
CA LEU A 254 2.28 3.62 2.44
C LEU A 254 0.77 3.81 2.45
N SER A 255 0.29 4.51 1.44
CA SER A 255 -1.12 4.66 1.16
C SER A 255 -1.26 4.95 -0.32
N ALA A 256 -2.47 4.81 -0.85
CA ALA A 256 -2.73 5.14 -2.25
C ALA A 256 -2.56 6.63 -2.51
N GLN A 257 -3.10 7.45 -1.61
CA GLN A 257 -2.89 8.90 -1.67
C GLN A 257 -1.42 9.26 -1.84
N LEU A 258 -0.55 8.58 -1.11
CA LEU A 258 0.89 8.89 -1.12
C LEU A 258 1.56 8.66 -2.47
N ILE A 259 1.22 7.55 -3.14
CA ILE A 259 1.78 7.29 -4.47
C ILE A 259 1.32 8.37 -5.45
N SER A 260 0.08 8.81 -5.34
CA SER A 260 -0.37 9.97 -6.12
C SER A 260 0.43 11.25 -5.87
N HIS A 261 0.77 11.57 -4.60
CA HIS A 261 1.61 12.76 -4.29
C HIS A 261 2.95 12.64 -4.97
N TRP A 262 3.56 11.46 -4.92
CA TRP A 262 4.84 11.28 -5.60
C TRP A 262 4.69 11.63 -7.06
N LYS A 263 3.72 11.01 -7.71
CA LYS A 263 3.38 11.33 -9.11
C LYS A 263 3.25 12.85 -9.31
N GLY A 264 2.60 13.54 -8.37
CA GLY A 264 2.44 14.98 -8.44
C GLY A 264 3.76 15.76 -8.37
N ASN A 265 4.68 15.34 -7.51
CA ASN A 265 5.96 16.02 -7.32
C ASN A 265 6.99 15.71 -8.38
N MET A 266 6.91 14.51 -8.94
CA MET A 266 8.02 14.01 -9.76
C MET A 266 8.39 14.94 -10.90
N THR A 267 9.69 15.00 -11.17
CA THR A 267 10.22 15.75 -12.29
C THR A 267 11.13 14.84 -13.12
N ARG A 268 11.17 15.08 -14.43
CA ARG A 268 11.91 14.21 -15.33
C ARG A 268 13.37 14.62 -15.35
N LEU A 269 14.22 13.77 -14.76
CA LEU A 269 15.64 14.08 -14.62
C LEU A 269 16.50 12.94 -15.17
N PRO A 270 17.67 13.28 -15.75
CA PRO A 270 18.55 12.25 -16.31
C PRO A 270 19.16 11.38 -15.23
N ARG A 271 19.01 10.06 -15.37
CA ARG A 271 19.51 9.10 -14.38
C ARG A 271 19.99 7.83 -15.08
N LEU A 272 21.07 7.27 -14.55
CA LEU A 272 21.43 5.90 -14.82
C LEU A 272 20.66 5.03 -13.85
N LEU A 273 19.76 4.20 -14.37
CA LEU A 273 19.06 3.22 -13.55
C LEU A 273 19.65 1.83 -13.74
N VAL A 274 20.12 1.24 -12.65
CA VAL A 274 20.51 -0.15 -12.62
C VAL A 274 19.51 -0.90 -11.75
N LEU A 275 18.81 -1.87 -12.36
CA LEU A 275 17.65 -2.51 -11.75
C LEU A 275 17.75 -4.04 -11.91
N PRO A 276 17.52 -4.81 -10.83
CA PRO A 276 17.59 -6.26 -10.97
C PRO A 276 16.41 -6.81 -11.75
N LYS A 277 16.70 -7.77 -12.64
CA LYS A 277 15.69 -8.66 -13.19
C LYS A 277 15.11 -9.46 -12.04
N PHE A 278 13.79 -9.60 -11.98
CA PHE A 278 13.23 -10.51 -11.00
C PHE A 278 11.92 -11.12 -11.44
N SER A 279 11.66 -12.28 -10.85
CA SER A 279 10.42 -13.00 -11.04
C SER A 279 9.97 -13.46 -9.67
N LEU A 280 8.87 -12.91 -9.17
CA LEU A 280 8.39 -13.18 -7.84
C LEU A 280 7.01 -13.76 -7.87
N GLU A 281 6.76 -14.72 -6.99
CA GLU A 281 5.47 -15.35 -6.88
C GLU A 281 5.10 -15.45 -5.42
N THR A 282 3.87 -15.08 -5.09
CA THR A 282 3.42 -15.13 -3.70
C THR A 282 1.98 -15.65 -3.62
N GLU A 283 1.76 -16.62 -2.74
CA GLU A 283 0.41 -17.00 -2.39
C GLU A 283 0.17 -16.67 -0.92
N VAL A 284 -0.83 -15.82 -0.68
CA VAL A 284 -1.16 -15.31 0.66
C VAL A 284 -2.47 -15.89 1.13
N ASP A 285 -2.47 -16.47 2.32
CA ASP A 285 -3.72 -16.81 2.97
C ASP A 285 -4.24 -15.51 3.58
N LEU A 286 -5.37 -15.00 3.10
CA LEU A 286 -5.84 -13.67 3.48
C LEU A 286 -6.59 -13.61 4.82
N ARG A 287 -6.69 -14.71 5.55
CA ARG A 287 -7.52 -14.75 6.74
C ARG A 287 -6.95 -13.88 7.84
N LYS A 288 -5.71 -14.17 8.25
CA LYS A 288 -5.06 -13.42 9.32
C LYS A 288 -4.95 -11.94 8.97
N PRO A 289 -4.41 -11.59 7.78
CA PRO A 289 -4.44 -10.19 7.38
C PRO A 289 -5.80 -9.52 7.53
N LEU A 290 -6.86 -10.16 7.03
CA LEU A 290 -8.19 -9.55 7.10
C LEU A 290 -8.73 -9.43 8.53
N GLU A 291 -8.36 -10.38 9.40
CA GLU A 291 -8.78 -10.39 10.79
C GLU A 291 -8.13 -9.25 11.56
N ASN A 292 -6.86 -9.01 11.28
CA ASN A 292 -6.12 -7.89 11.82
C ASN A 292 -6.75 -6.57 11.44
N LEU A 293 -7.50 -6.52 10.34
CA LEU A 293 -8.22 -5.30 9.98
C LEU A 293 -9.68 -5.31 10.44
N GLY A 294 -10.07 -6.28 11.25
CA GLY A 294 -11.37 -6.26 11.91
C GLY A 294 -12.43 -7.18 11.35
N MET A 295 -12.12 -7.86 10.24
CA MET A 295 -13.07 -8.75 9.58
C MET A 295 -12.91 -10.16 10.14
N THR A 296 -13.60 -10.44 11.23
CA THR A 296 -13.44 -11.68 11.97
C THR A 296 -14.64 -12.62 11.79
N ASP A 297 -15.85 -12.07 11.66
CA ASP A 297 -17.06 -12.87 11.63
C ASP A 297 -17.15 -13.72 10.35
N MET A 298 -16.68 -13.19 9.22
CA MET A 298 -16.75 -13.92 7.96
C MET A 298 -16.04 -15.29 7.97
N PHE A 299 -15.05 -15.47 8.86
CA PHE A 299 -14.32 -16.74 8.94
C PHE A 299 -14.80 -17.69 10.03
N ARG A 300 -15.88 -17.35 10.72
CA ARG A 300 -16.33 -18.13 11.87
C ARG A 300 -17.71 -18.74 11.63
N PRO A 301 -17.83 -20.08 11.77
CA PRO A 301 -19.00 -20.84 11.35
C PRO A 301 -20.35 -20.25 11.77
N PHE A 302 -20.47 -19.83 13.03
CA PHE A 302 -21.77 -19.44 13.57
C PHE A 302 -21.88 -17.96 13.91
N GLN A 303 -20.81 -17.21 13.68
CA GLN A 303 -20.86 -15.77 13.76
C GLN A 303 -21.20 -15.17 12.39
N ALA A 304 -20.74 -15.82 11.32
CA ALA A 304 -20.80 -15.25 9.97
C ALA A 304 -22.22 -15.11 9.44
N ASP A 305 -22.49 -13.99 8.79
CA ASP A 305 -23.82 -13.68 8.27
C ASP A 305 -23.74 -13.58 6.74
N PHE A 306 -24.16 -14.66 6.08
CA PHE A 306 -24.15 -14.74 4.61
C PHE A 306 -25.58 -14.92 4.13
N THR A 307 -26.51 -14.25 4.81
CA THR A 307 -27.93 -14.42 4.56
C THR A 307 -28.44 -13.64 3.35
N SER A 308 -27.55 -12.93 2.67
CA SER A 308 -27.82 -12.39 1.34
C SER A 308 -27.44 -13.40 0.25
N LEU A 309 -26.59 -14.37 0.58
CA LEU A 309 -26.30 -15.52 -0.31
C LEU A 309 -27.15 -16.75 0.01
N SER A 310 -27.42 -17.02 1.29
CA SER A 310 -28.12 -18.24 1.68
C SER A 310 -28.73 -18.18 3.09
N ASP A 311 -29.82 -18.90 3.31
CA ASP A 311 -30.40 -18.98 4.64
C ASP A 311 -29.71 -20.08 5.40
N GLN A 312 -29.33 -21.13 4.69
CA GLN A 312 -28.65 -22.25 5.33
C GLN A 312 -27.30 -21.88 5.94
N GLU A 313 -27.08 -22.40 7.15
CA GLU A 313 -25.84 -22.24 7.89
C GLU A 313 -25.53 -23.62 8.50
N PRO A 314 -24.31 -23.87 8.97
CA PRO A 314 -23.21 -22.92 9.04
C PRO A 314 -22.58 -22.60 7.68
N LEU A 315 -22.41 -21.30 7.41
CA LEU A 315 -21.74 -20.81 6.22
C LEU A 315 -20.77 -19.69 6.60
N HIS A 316 -19.50 -19.91 6.28
CA HIS A 316 -18.45 -18.95 6.55
C HIS A 316 -17.38 -19.12 5.48
N VAL A 317 -16.39 -18.24 5.46
CA VAL A 317 -15.31 -18.37 4.51
C VAL A 317 -14.30 -19.36 5.08
N ALA A 318 -14.20 -20.52 4.44
CA ALA A 318 -13.27 -21.55 4.86
C ALA A 318 -11.86 -21.19 4.45
N LEU A 319 -11.74 -20.41 3.38
CA LEU A 319 -10.47 -20.21 2.71
C LEU A 319 -10.54 -18.99 1.81
N ALA A 320 -9.56 -18.10 1.94
CA ALA A 320 -9.46 -16.92 1.12
C ALA A 320 -8.01 -16.79 0.73
N LEU A 321 -7.73 -16.77 -0.57
CA LEU A 321 -6.37 -16.80 -1.08
C LEU A 321 -6.19 -15.79 -2.18
N GLN A 322 -5.04 -15.13 -2.19
CA GLN A 322 -4.60 -14.38 -3.35
C GLN A 322 -3.29 -14.99 -3.81
N LYS A 323 -3.10 -15.13 -5.12
CA LYS A 323 -1.81 -15.58 -5.64
C LYS A 323 -1.38 -14.65 -6.76
N VAL A 324 -0.18 -14.11 -6.66
CA VAL A 324 0.27 -13.12 -7.62
C VAL A 324 1.66 -13.49 -8.07
N LYS A 325 1.87 -13.35 -9.38
CA LYS A 325 3.15 -13.62 -10.00
C LYS A 325 3.53 -12.37 -10.79
N ILE A 326 4.69 -11.79 -10.51
CA ILE A 326 5.17 -10.66 -11.34
C ILE A 326 6.53 -10.94 -11.93
N GLU A 327 6.73 -10.52 -13.18
CA GLU A 327 8.02 -10.68 -13.84
C GLU A 327 8.52 -9.32 -14.34
N VAL A 328 9.80 -9.05 -14.14
CA VAL A 328 10.41 -7.84 -14.61
C VAL A 328 11.71 -8.17 -15.30
N ASN A 329 11.76 -7.92 -16.60
CA ASN A 329 12.99 -8.07 -17.38
C ASN A 329 13.08 -6.94 -18.42
N GLU A 330 13.97 -7.07 -19.41
CA GLU A 330 14.34 -5.95 -20.29
C GLU A 330 13.23 -5.50 -21.24
N SER A 331 12.40 -6.44 -21.69
CA SER A 331 11.39 -6.17 -22.71
C SER A 331 10.33 -5.23 -22.17
N PRO A 349 25.20 11.75 -14.91
CA PRO A 349 25.75 12.38 -13.71
C PRO A 349 25.27 11.74 -12.39
N GLU A 350 24.01 11.33 -12.36
CA GLU A 350 23.44 10.75 -11.15
C GLU A 350 22.94 9.32 -11.39
N GLU A 351 23.21 8.45 -10.42
CA GLU A 351 22.93 7.03 -10.55
C GLU A 351 22.00 6.56 -9.45
N ILE A 352 21.09 5.68 -9.82
CA ILE A 352 20.29 4.94 -8.86
C ILE A 352 20.65 3.48 -9.11
N ILE A 353 21.43 2.89 -8.21
CA ILE A 353 21.81 1.48 -8.31
C ILE A 353 20.98 0.71 -7.29
N ILE A 354 20.04 -0.09 -7.77
CA ILE A 354 19.17 -0.84 -6.88
C ILE A 354 19.76 -2.20 -6.57
N ASP A 355 20.79 -2.19 -5.71
CA ASP A 355 21.48 -3.40 -5.24
C ASP A 355 21.13 -3.72 -3.78
N ARG A 356 19.93 -3.30 -3.37
CA ARG A 356 19.44 -3.48 -2.02
C ARG A 356 17.94 -3.68 -2.08
N PRO A 357 17.32 -4.20 -1.00
CA PRO A 357 15.89 -4.35 -1.02
C PRO A 357 15.14 -3.07 -1.38
N PHE A 358 14.03 -3.24 -2.06
CA PHE A 358 13.25 -2.12 -2.55
C PHE A 358 11.79 -2.47 -2.71
N LEU A 359 10.96 -1.44 -2.79
CA LEU A 359 9.53 -1.60 -2.95
C LEU A 359 9.04 -1.06 -4.30
N PHE A 360 8.17 -1.82 -4.95
CA PHE A 360 7.62 -1.45 -6.25
C PHE A 360 6.11 -1.40 -6.16
N VAL A 361 5.52 -0.63 -7.07
CA VAL A 361 4.10 -0.37 -7.10
C VAL A 361 3.75 -0.19 -8.56
N VAL A 362 2.78 -0.95 -9.06
CA VAL A 362 2.29 -0.81 -10.43
C VAL A 362 0.96 -0.08 -10.34
N ARG A 363 0.87 1.02 -11.07
CA ARG A 363 -0.23 1.96 -10.90
C ARG A 363 -0.89 2.24 -12.22
N HIS A 364 -2.21 2.20 -12.22
CA HIS A 364 -3.01 2.66 -13.34
C HIS A 364 -3.19 4.15 -13.21
N ASN A 365 -2.54 4.93 -14.09
CA ASN A 365 -2.47 6.40 -13.92
C ASN A 365 -3.78 7.16 -14.13
N PRO A 366 -4.68 6.68 -14.99
CA PRO A 366 -5.96 7.39 -15.13
C PRO A 366 -6.90 7.33 -13.92
N THR A 367 -6.69 6.39 -13.01
CA THR A 367 -7.53 6.25 -11.82
C THR A 367 -6.78 6.26 -10.50
N GLY A 368 -5.46 6.01 -10.53
CA GLY A 368 -4.67 5.86 -9.31
C GLY A 368 -4.76 4.50 -8.65
N THR A 369 -5.34 3.53 -9.36
CA THR A 369 -5.50 2.19 -8.86
C THR A 369 -4.13 1.56 -8.65
N VAL A 370 -3.91 1.03 -7.47
CA VAL A 370 -2.68 0.34 -7.18
C VAL A 370 -2.93 -1.14 -7.54
N LEU A 371 -2.49 -1.50 -8.74
CA LEU A 371 -2.67 -2.85 -9.23
C LEU A 371 -1.81 -3.87 -8.54
N PHE A 372 -0.52 -3.58 -8.43
CA PHE A 372 0.42 -4.45 -7.76
C PHE A 372 1.31 -3.67 -6.79
N MET A 373 1.76 -4.36 -5.76
CA MET A 373 2.67 -3.79 -4.78
C MET A 373 3.49 -4.93 -4.25
N GLY A 374 4.76 -4.66 -3.96
CA GLY A 374 5.60 -5.67 -3.35
C GLY A 374 6.92 -5.17 -2.80
N GLN A 375 7.54 -5.99 -1.97
CA GLN A 375 8.91 -5.80 -1.54
C GLN A 375 9.80 -6.89 -2.12
N VAL A 376 10.86 -6.48 -2.79
CA VAL A 376 11.81 -7.39 -3.34
C VAL A 376 12.99 -7.45 -2.41
N MET A 377 13.00 -8.50 -1.59
CA MET A 377 14.06 -8.73 -0.62
C MET A 377 15.25 -9.52 -1.16
N GLU A 378 15.01 -10.26 -2.25
CA GLU A 378 16.05 -11.04 -2.92
C GLU A 378 15.60 -11.36 -4.35
N PRO A 379 16.20 -10.74 -5.35
CA PRO A 379 15.79 -10.99 -6.73
C PRO A 379 16.17 -12.38 -7.20
N GLN B 1 27.23 26.89 9.17
CA GLN B 1 26.39 26.92 8.00
C GLN B 1 25.01 26.33 8.26
N VAL B 2 24.93 25.17 8.90
CA VAL B 2 23.63 24.59 9.21
C VAL B 2 22.96 25.33 10.34
N GLN B 3 21.77 25.86 10.12
CA GLN B 3 21.09 26.61 11.16
C GLN B 3 19.59 26.36 11.28
N LEU B 4 19.13 26.15 12.50
CA LEU B 4 17.74 25.94 12.76
C LEU B 4 17.41 26.89 13.86
N VAL B 5 16.53 27.83 13.58
CA VAL B 5 16.15 28.88 14.55
C VAL B 5 14.65 28.90 14.82
N GLU B 6 14.24 28.48 16.02
CA GLU B 6 12.81 28.50 16.40
C GLU B 6 12.41 29.88 16.88
N SER B 7 11.13 30.19 16.72
CA SER B 7 10.54 31.42 17.19
C SER B 7 9.04 31.19 17.40
N GLY B 8 8.39 32.09 18.14
CA GLY B 8 6.93 32.05 18.33
C GLY B 8 6.46 31.64 19.72
N GLY B 9 7.39 31.20 20.56
CA GLY B 9 7.05 30.79 21.92
C GLY B 9 6.75 31.97 22.83
N GLY B 10 6.14 31.68 23.97
CA GLY B 10 5.81 32.72 24.92
C GLY B 10 4.81 32.25 25.94
N LEU B 11 4.13 33.21 26.56
CA LEU B 11 3.17 32.93 27.62
C LEU B 11 1.75 32.99 27.07
N VAL B 12 0.91 32.05 27.45
CA VAL B 12 -0.43 32.01 26.95
C VAL B 12 -1.38 31.42 27.99
N GLN B 13 -2.62 31.87 27.99
CA GLN B 13 -3.65 31.45 28.92
C GLN B 13 -4.08 30.04 28.54
N PRO B 14 -4.45 29.20 29.53
CA PRO B 14 -4.93 27.86 29.16
C PRO B 14 -6.14 27.93 28.24
N GLY B 15 -6.18 27.05 27.24
CA GLY B 15 -7.20 27.09 26.20
C GLY B 15 -6.80 27.93 24.99
N GLY B 16 -5.64 28.58 25.06
CA GLY B 16 -5.17 29.45 23.98
C GLY B 16 -4.51 28.70 22.84
N ARG B 17 -3.95 29.47 21.90
CA ARG B 17 -3.21 28.96 20.76
C ARG B 17 -1.88 29.71 20.56
N LEU B 18 -0.93 29.01 19.95
CA LEU B 18 0.36 29.57 19.52
C LEU B 18 0.75 28.92 18.20
N ARG B 19 1.45 29.68 17.36
CA ARG B 19 2.12 29.13 16.21
C ARG B 19 3.63 29.31 16.37
N LEU B 20 4.34 28.19 16.51
CA LEU B 20 5.79 28.19 16.40
C LEU B 20 6.22 28.06 14.95
N SER B 21 7.36 28.64 14.65
CA SER B 21 8.01 28.42 13.36
C SER B 21 9.49 28.12 13.59
N CYS B 22 10.13 27.53 12.59
CA CYS B 22 11.55 27.28 12.62
C CYS B 22 12.09 27.56 11.23
N ALA B 23 12.91 28.61 11.13
CA ALA B 23 13.65 28.93 9.92
C ALA B 23 14.90 28.07 9.85
N ALA B 24 15.15 27.47 8.68
CA ALA B 24 16.32 26.63 8.48
C ALA B 24 17.17 27.12 7.30
N SER B 25 18.45 26.77 7.32
CA SER B 25 19.38 27.09 6.24
C SER B 25 20.57 26.13 6.23
N GLY B 26 21.31 26.10 5.12
CA GLY B 26 22.56 25.35 5.06
C GLY B 26 22.48 23.85 4.83
N PHE B 27 21.28 23.32 4.61
CA PHE B 27 21.11 21.92 4.17
C PHE B 27 19.92 21.83 3.24
N THR B 28 19.81 20.70 2.55
CA THR B 28 18.73 20.43 1.61
C THR B 28 17.43 20.16 2.36
N PHE B 29 16.78 21.23 2.79
CA PHE B 29 15.52 21.18 3.54
C PHE B 29 14.46 20.25 2.94
N ARG B 30 14.22 20.40 1.65
CA ARG B 30 13.16 19.66 0.99
C ARG B 30 13.39 18.14 0.93
N THR B 31 14.57 17.66 1.31
CA THR B 31 14.82 16.22 1.43
C THR B 31 14.90 15.73 2.88
N TYR B 32 14.57 16.58 3.85
CA TYR B 32 14.65 16.22 5.27
C TYR B 32 13.26 16.12 5.85
N ALA B 33 13.07 15.19 6.79
CA ALA B 33 11.88 15.19 7.61
C ALA B 33 12.03 16.27 8.69
N MET B 34 10.96 16.98 9.01
CA MET B 34 11.01 18.00 10.07
C MET B 34 10.23 17.53 11.27
N GLN B 35 10.78 17.81 12.47
CA GLN B 35 10.20 17.35 13.71
C GLN B 35 10.23 18.38 14.84
N TRP B 36 9.24 18.26 15.72
CA TRP B 36 9.14 19.05 16.92
C TRP B 36 9.20 18.14 18.12
N TYR B 37 10.08 18.47 19.05
CA TYR B 37 10.19 17.81 20.35
C TYR B 37 9.93 18.82 21.45
N ARG B 38 9.66 18.33 22.66
CA ARG B 38 9.51 19.19 23.81
C ARG B 38 10.11 18.52 25.02
N GLN B 39 10.56 19.38 25.94
CA GLN B 39 11.38 19.00 27.08
C GLN B 39 11.24 20.06 28.18
N SER B 40 11.09 19.62 29.43
CA SER B 40 11.15 20.49 30.59
C SER B 40 12.13 19.91 31.60
N PRO B 41 12.45 20.64 32.68
CA PRO B 41 13.27 20.02 33.70
C PRO B 41 12.52 18.85 34.35
N GLY B 42 13.23 17.74 34.59
CA GLY B 42 12.63 16.58 35.24
C GLY B 42 11.91 15.60 34.34
N THR B 43 11.32 16.08 33.23
CA THR B 43 10.58 15.22 32.30
C THR B 43 11.31 15.03 30.97
N GLU B 44 11.56 13.77 30.64
CA GLU B 44 12.21 13.38 29.39
C GLU B 44 11.76 14.16 28.15
N ARG B 45 12.71 14.44 27.26
CA ARG B 45 12.39 14.96 25.94
C ARG B 45 11.46 14.00 25.20
N GLU B 46 10.51 14.54 24.45
CA GLU B 46 9.54 13.71 23.75
C GLU B 46 9.11 14.31 22.43
N LEU B 47 8.82 13.42 21.47
CA LEU B 47 8.34 13.83 20.17
C LEU B 47 7.01 14.51 20.33
N VAL B 48 6.85 15.65 19.66
CA VAL B 48 5.57 16.32 19.60
C VAL B 48 4.91 16.11 18.24
N ALA B 49 5.68 16.33 17.17
CA ALA B 49 5.17 16.20 15.82
C ALA B 49 6.31 15.95 14.83
N ALA B 50 5.97 15.25 13.73
CA ALA B 50 6.93 14.90 12.67
C ALA B 50 6.26 14.97 11.31
N ILE B 51 6.99 15.40 10.29
CA ILE B 51 6.43 15.52 8.95
C ILE B 51 7.41 15.11 7.86
N SER B 52 6.93 14.29 6.90
CA SER B 52 7.72 13.84 5.75
C SER B 52 8.15 15.01 4.87
N ASN B 53 9.13 14.78 3.98
CA ASN B 53 9.61 15.88 3.12
C ASN B 53 8.52 16.41 2.18
N ILE B 54 7.72 15.50 1.62
CA ILE B 54 6.58 15.81 0.75
C ILE B 54 5.39 14.91 1.10
N GLY B 55 4.21 15.27 0.61
CA GLY B 55 3.04 14.45 0.82
C GLY B 55 2.35 14.64 2.15
N GLY B 56 2.92 15.45 3.03
CA GLY B 56 2.31 15.71 4.32
C GLY B 56 1.94 14.49 5.15
N VAL B 57 2.81 13.50 5.15
CA VAL B 57 2.67 12.41 6.09
C VAL B 57 3.14 12.93 7.47
N THR B 58 2.27 12.82 8.48
CA THR B 58 2.53 13.36 9.82
C THR B 58 2.42 12.30 10.91
N ASP B 59 3.13 12.55 12.02
CA ASP B 59 3.05 11.73 13.23
C ASP B 59 3.10 12.64 14.44
N TYR B 60 2.21 12.38 15.41
CA TYR B 60 2.07 13.21 16.61
C TYR B 60 2.23 12.36 17.85
N GLY B 61 2.83 12.93 18.90
CA GLY B 61 2.86 12.29 20.21
C GLY B 61 1.45 12.17 20.74
N ASP B 62 1.21 11.20 21.60
CA ASP B 62 -0.16 10.92 22.05
C ASP B 62 -0.78 12.08 22.81
N SER B 63 0.05 12.82 23.54
CA SER B 63 -0.42 13.94 24.37
C SER B 63 -1.02 15.08 23.55
N VAL B 64 -0.63 15.21 22.28
CA VAL B 64 -0.95 16.40 21.50
C VAL B 64 -1.84 16.17 20.28
N LYS B 65 -2.13 14.91 19.94
CA LYS B 65 -2.90 14.63 18.73
C LYS B 65 -4.32 15.21 18.86
N GLY B 66 -4.75 15.92 17.82
CA GLY B 66 -6.05 16.58 17.81
C GLY B 66 -6.03 17.98 18.42
N ARG B 67 -4.84 18.48 18.74
CA ARG B 67 -4.66 19.84 19.23
C ARG B 67 -3.57 20.58 18.47
N PHE B 68 -2.47 19.89 18.19
CA PHE B 68 -1.31 20.44 17.49
C PHE B 68 -1.30 19.99 16.03
N THR B 69 -0.94 20.89 15.11
CA THR B 69 -0.82 20.60 13.69
C THR B 69 0.57 21.04 13.24
N ILE B 70 1.32 20.10 12.67
CA ILE B 70 2.59 20.44 12.03
C ILE B 70 2.37 20.69 10.54
N SER B 71 3.07 21.67 9.97
CA SER B 71 3.05 21.94 8.53
C SER B 71 4.42 22.44 8.13
N ARG B 72 4.67 22.55 6.82
CA ARG B 72 5.98 22.96 6.31
C ARG B 72 5.86 23.69 5.00
N ASP B 73 6.90 24.43 4.63
CA ASP B 73 6.99 24.95 3.28
C ASP B 73 8.44 24.94 2.83
N ASN B 74 8.67 24.16 1.79
CA ASN B 74 9.99 23.82 1.33
C ASN B 74 10.64 24.96 0.57
N ALA B 75 9.83 25.78 -0.09
CA ALA B 75 10.33 26.95 -0.79
C ALA B 75 10.77 28.03 0.21
N LYS B 76 10.04 28.14 1.31
CA LYS B 76 10.39 29.08 2.38
C LYS B 76 11.39 28.50 3.38
N THR B 77 11.77 27.23 3.17
CA THR B 77 12.60 26.44 4.07
C THR B 77 12.25 26.63 5.55
N THR B 78 10.95 26.59 5.84
CA THR B 78 10.41 26.80 7.18
C THR B 78 9.44 25.70 7.57
N VAL B 79 9.44 25.35 8.85
CA VAL B 79 8.48 24.43 9.44
C VAL B 79 7.71 25.13 10.55
N TYR B 80 6.45 24.72 10.73
CA TYR B 80 5.54 25.39 11.66
C TYR B 80 4.93 24.37 12.60
N LEU B 81 4.52 24.84 13.77
CA LEU B 81 3.76 24.03 14.69
C LEU B 81 2.67 24.89 15.30
N GLU B 82 1.43 24.70 14.82
CA GLU B 82 0.30 25.34 15.46
C GLU B 82 -0.16 24.52 16.64
N MET B 83 -0.32 25.18 17.78
CA MET B 83 -0.78 24.55 19.02
C MET B 83 -2.12 25.16 19.37
N ASN B 84 -3.10 24.34 19.71
CA ASN B 84 -4.43 24.80 20.09
C ASN B 84 -4.84 24.13 21.39
N SER B 85 -5.89 24.65 22.01
CA SER B 85 -6.38 24.15 23.29
C SER B 85 -5.23 23.81 24.22
N LEU B 86 -4.32 24.77 24.40
CA LEU B 86 -3.16 24.58 25.26
C LEU B 86 -3.58 24.39 26.71
N LYS B 87 -2.75 23.64 27.41
CA LYS B 87 -2.91 23.27 28.80
C LYS B 87 -1.64 23.55 29.58
N PRO B 88 -1.72 23.71 30.89
CA PRO B 88 -0.53 23.91 31.71
C PRO B 88 0.55 22.85 31.47
N GLU B 89 0.12 21.60 31.28
CA GLU B 89 0.98 20.46 30.98
C GLU B 89 1.89 20.69 29.75
N ASP B 90 1.43 21.51 28.80
CA ASP B 90 2.20 21.79 27.57
C ASP B 90 3.38 22.75 27.77
N THR B 91 3.62 23.21 28.99
CA THR B 91 4.75 24.08 29.30
C THR B 91 6.08 23.34 29.12
N ALA B 92 6.94 23.89 28.27
CA ALA B 92 8.22 23.28 27.94
C ALA B 92 9.02 24.11 26.94
N THR B 93 10.26 23.73 26.73
CA THR B 93 11.05 24.22 25.62
C THR B 93 10.81 23.29 24.42
N TYR B 94 10.34 23.86 23.31
CA TYR B 94 10.06 23.13 22.11
C TYR B 94 11.24 23.33 21.19
N TYR B 95 11.72 22.22 20.64
CA TYR B 95 12.94 22.16 19.83
C TYR B 95 12.58 21.60 18.45
N CYS B 96 13.21 22.15 17.41
CA CYS B 96 13.02 21.68 16.07
C CYS B 96 14.20 20.81 15.67
N SER B 97 13.91 19.68 15.03
CA SER B 97 14.95 18.81 14.50
C SER B 97 14.65 18.57 13.04
N ALA B 98 15.70 18.61 12.21
CA ALA B 98 15.64 18.10 10.84
C ALA B 98 16.32 16.75 10.80
N VAL B 99 15.75 15.78 10.08
CA VAL B 99 16.35 14.45 10.03
C VAL B 99 16.27 13.80 8.66
N ARG B 100 17.44 13.37 8.21
CA ARG B 100 17.59 12.54 7.03
C ARG B 100 18.68 11.55 7.37
N LEU B 101 18.28 10.42 7.95
CA LEU B 101 19.27 9.49 8.53
C LEU B 101 20.37 9.13 7.56
N PRO B 102 21.61 9.01 8.05
CA PRO B 102 21.96 9.10 9.47
C PRO B 102 22.22 10.52 9.99
N GLN B 103 21.75 11.54 9.26
CA GLN B 103 21.94 12.92 9.67
C GLN B 103 20.74 13.51 10.38
N ARG B 104 21.01 14.17 11.49
CA ARG B 104 20.02 14.89 12.28
C ARG B 104 20.62 16.18 12.81
N TYR B 105 19.86 17.27 12.67
CA TYR B 105 20.27 18.56 13.18
C TYR B 105 19.24 19.06 14.17
N TRP B 106 19.68 19.95 15.06
CA TRP B 106 18.83 20.46 16.15
C TRP B 106 18.89 21.98 16.21
N GLY B 107 17.76 22.58 16.58
CA GLY B 107 17.70 24.01 16.84
C GLY B 107 18.09 24.33 18.27
N ARG B 108 17.74 25.54 18.70
CA ARG B 108 18.18 26.10 19.97
C ARG B 108 17.06 26.12 21.01
N GLY B 109 15.85 25.79 20.59
CA GLY B 109 14.68 25.76 21.47
C GLY B 109 13.98 27.10 21.64
N THR B 110 12.66 27.03 21.81
CA THR B 110 11.87 28.21 22.18
C THR B 110 10.90 27.81 23.30
N GLN B 111 10.83 28.67 24.32
CA GLN B 111 10.04 28.42 25.51
C GLN B 111 8.56 28.71 25.26
N VAL B 112 7.72 27.78 25.70
CA VAL B 112 6.27 27.97 25.69
C VAL B 112 5.80 27.79 27.13
N THR B 113 5.02 28.73 27.61
CA THR B 113 4.55 28.66 28.97
C THR B 113 3.09 28.89 28.98
N VAL B 114 2.36 27.98 29.63
CA VAL B 114 0.92 28.08 29.72
C VAL B 114 0.45 28.08 31.17
N SER B 115 -0.02 29.24 31.64
CA SER B 115 -0.50 29.39 33.00
C SER B 115 -1.48 30.55 33.13
#